data_1NSN
#
_entry.id   1NSN
#
_cell.length_a   234.700
_cell.length_b   43.500
_cell.length_c   74.400
_cell.angle_alpha   90.00
_cell.angle_beta   106.40
_cell.angle_gamma   90.00
#
_symmetry.space_group_name_H-M   'C 1 2 1'
#
loop_
_entity.id
_entity.type
_entity.pdbx_description
1 polymer 'IGG FAB (IGG1, KAPPA)'
2 polymer 'IGG FAB (IGG1, KAPPA)'
3 polymer 'STAPHYLOCOCCAL NUCLEASE'
#
loop_
_entity_poly.entity_id
_entity_poly.type
_entity_poly.pdbx_seq_one_letter_code
_entity_poly.pdbx_strand_id
1 'polypeptide(L)'
;DIVLTQSPSSLAVSLGQRATISCRASQSVSTSSFRYMHWYQQKPGQPPRLLIKYASNLESGVPARFSGSGSGTDFTLNIH
PVEEEDTATYYCQHSWEIPYTFGGGTKLEIKRADAAPTVSIFPPSSEQLTSGGASVVCFLNNFYPKDINVKWKIDGSERQ
NGVLNSWTDQDSKDSTYSMSSTLTLTKDEYERHNSYTCEATHKTSTSPIVKSFNRNEC
;
L
2 'polypeptide(L)'
;DVQLQESGPGLVKPSQSLSLTCTVTGYSITSDYAWNWIRQFPGNKLEWMGYITYSGTTSYNPSLKSRISISRDTSKNQFF
MQLNSVTTEDTGTFYCTRGNGDWGQGTTLTVSSAKTTPPSVYPLAPGSAAQTNSMVTLGCLVKGYFPEPVTVTWNSGSLS
SGVHTFPAVLQSDLYTLSSSVTVPSSPRPSETVTCNVAHPASSTKVDKKI
;
H
3 'polypeptide(L)'
;ATSTKKLHKEPATLIKAIDGDTVKLMYKGQPMTFRLLLVDTPETKHPKKGVEKYGPEASAFTKKMVENAKKIEVEFDKGQ
RTDKYGRGLAYIYADGKMVNEALVRQGLAKVAYVYKPNNTHEQHLRKSEAQAKKEKLNIWSENDADSGQ
;
S
#
# COMPACT_ATOMS: atom_id res chain seq x y z
N ASP A 1 -10.97 20.89 4.02
CA ASP A 1 -9.90 19.88 3.76
C ASP A 1 -9.64 19.38 5.15
N ILE A 2 -10.08 18.17 5.44
CA ILE A 2 -9.94 17.62 6.77
C ILE A 2 -8.60 16.88 6.97
N VAL A 3 -7.89 17.25 8.01
CA VAL A 3 -6.63 16.62 8.31
C VAL A 3 -6.94 15.57 9.37
N LEU A 4 -6.47 14.35 9.15
CA LEU A 4 -6.70 13.25 10.09
C LEU A 4 -5.45 13.10 10.90
N THR A 5 -5.60 12.76 12.18
CA THR A 5 -4.50 12.59 13.10
C THR A 5 -4.75 11.32 13.90
N GLN A 6 -3.90 10.33 13.72
CA GLN A 6 -4.09 9.09 14.45
C GLN A 6 -2.91 8.86 15.36
N SER A 7 -3.16 8.39 16.57
CA SER A 7 -2.06 8.18 17.48
C SER A 7 -2.30 7.01 18.45
N PRO A 8 -1.23 6.57 19.19
CA PRO A 8 0.14 7.11 19.14
C PRO A 8 0.78 6.68 17.81
N SER A 9 1.93 7.22 17.47
CA SER A 9 2.54 6.80 16.20
C SER A 9 3.03 5.35 16.23
N SER A 10 3.27 4.81 17.43
CA SER A 10 3.75 3.44 17.64
C SER A 10 2.87 2.71 18.68
N LEU A 11 2.50 1.48 18.38
CA LEU A 11 1.66 0.74 19.30
C LEU A 11 2.29 -0.63 19.55
N ALA A 12 2.72 -0.91 20.77
CA ALA A 12 3.33 -2.22 21.07
C ALA A 12 2.46 -2.92 22.10
N VAL A 13 1.84 -4.05 21.71
CA VAL A 13 0.90 -4.78 22.54
C VAL A 13 1.24 -6.23 22.73
N SER A 14 1.14 -6.70 23.97
CA SER A 14 1.42 -8.09 24.33
C SER A 14 0.55 -9.01 23.51
N LEU A 15 1.18 -9.91 22.77
CA LEU A 15 0.46 -10.84 21.91
C LEU A 15 -0.71 -11.51 22.57
N GLY A 16 -1.91 -11.22 22.07
CA GLY A 16 -3.15 -11.81 22.61
C GLY A 16 -4.01 -10.79 23.33
N GLN A 17 -3.49 -9.58 23.53
CA GLN A 17 -4.22 -8.51 24.20
C GLN A 17 -4.78 -7.50 23.22
N ARG A 18 -5.70 -6.67 23.71
CA ARG A 18 -6.38 -5.68 22.90
C ARG A 18 -5.46 -4.60 22.37
N ALA A 19 -5.83 -4.03 21.24
CA ALA A 19 -5.08 -2.93 20.65
C ALA A 19 -6.14 -2.03 20.02
N THR A 20 -6.18 -0.80 20.50
CA THR A 20 -7.09 0.21 20.04
C THR A 20 -6.22 1.28 19.37
N ILE A 21 -6.50 1.56 18.10
CA ILE A 21 -5.75 2.56 17.37
C ILE A 21 -6.73 3.69 17.12
N SER A 22 -6.37 4.91 17.51
CA SER A 22 -7.29 6.04 17.33
C SER A 22 -6.98 6.83 16.07
N CYS A 23 -8.00 7.53 15.54
CA CYS A 23 -7.88 8.38 14.36
C CYS A 23 -8.84 9.55 14.47
N ARG A 24 -8.30 10.72 14.70
CA ARG A 24 -9.12 11.91 14.86
C ARG A 24 -9.25 12.77 13.59
N ALA A 25 -10.49 13.16 13.32
CA ALA A 25 -10.85 13.98 12.18
C ALA A 25 -11.03 15.44 12.63
N SER A 26 -10.52 16.36 11.81
CA SER A 26 -10.62 17.77 12.09
C SER A 26 -12.10 18.11 12.13
N GLN A 27 -12.74 17.98 10.99
CA GLN A 27 -14.16 18.25 10.88
C GLN A 27 -14.86 16.95 11.25
N SER A 28 -16.18 16.98 11.33
CA SER A 28 -17.00 15.81 11.65
C SER A 28 -17.44 15.13 10.35
N VAL A 29 -17.42 13.80 10.30
CA VAL A 29 -17.78 13.06 9.07
C VAL A 29 -18.90 12.00 9.21
N SER A 30 -20.09 12.37 9.72
CA SER A 30 -21.18 11.39 9.90
C SER A 30 -22.54 11.86 9.35
N THR A 31 -23.60 11.04 9.45
CA THR A 31 -24.87 11.42 8.81
C THR A 31 -26.14 10.55 8.98
N SER A 32 -26.28 9.42 8.25
CA SER A 32 -27.46 8.50 8.35
C SER A 32 -27.30 7.27 7.44
N SER A 33 -26.03 6.90 7.29
CA SER A 33 -25.47 5.78 6.50
C SER A 33 -23.99 6.08 6.49
N PHE A 34 -23.64 7.27 6.95
CA PHE A 34 -22.25 7.60 7.00
C PHE A 34 -21.73 7.46 8.38
N ARG A 35 -20.42 7.51 8.37
CA ARG A 35 -19.44 7.41 9.41
C ARG A 35 -18.48 7.04 8.28
N TYR A 36 -18.14 8.08 7.50
CA TYR A 36 -17.30 7.96 6.31
C TYR A 36 -15.80 7.87 6.52
N MET A 37 -15.43 6.82 7.23
CA MET A 37 -14.05 6.55 7.57
C MET A 37 -13.91 5.05 7.38
N HIS A 38 -12.81 4.66 6.74
CA HIS A 38 -12.49 3.27 6.44
C HIS A 38 -11.07 3.10 6.98
N TRP A 39 -10.65 1.85 7.14
CA TRP A 39 -9.33 1.53 7.68
C TRP A 39 -8.47 0.58 6.81
N TYR A 40 -7.19 0.93 6.64
CA TYR A 40 -6.25 0.13 5.86
C TYR A 40 -5.12 -0.39 6.71
N GLN A 41 -4.50 -1.44 6.21
CA GLN A 41 -3.38 -2.11 6.87
C GLN A 41 -2.26 -2.24 5.86
N GLN A 42 -1.03 -2.05 6.31
CA GLN A 42 0.09 -2.16 5.38
C GLN A 42 1.30 -2.87 5.98
N LYS A 43 1.54 -4.05 5.46
CA LYS A 43 2.66 -4.84 5.90
C LYS A 43 3.82 -4.24 5.13
N PRO A 44 5.06 -4.41 5.62
CA PRO A 44 6.24 -3.85 4.96
C PRO A 44 6.47 -4.57 3.64
N GLY A 45 6.94 -3.80 2.66
CA GLY A 45 7.19 -4.33 1.32
C GLY A 45 5.92 -4.44 0.49
N GLN A 46 4.77 -4.39 1.15
CA GLN A 46 3.46 -4.56 0.52
C GLN A 46 2.57 -3.32 0.47
N PRO A 47 1.53 -3.33 -0.38
CA PRO A 47 0.54 -2.24 -0.59
C PRO A 47 -0.52 -2.35 0.48
N PRO A 48 -1.24 -1.24 0.75
CA PRO A 48 -2.27 -1.30 1.80
C PRO A 48 -3.37 -2.23 1.40
N ARG A 49 -4.09 -2.76 2.37
CA ARG A 49 -5.20 -3.66 2.10
C ARG A 49 -6.38 -3.08 2.86
N LEU A 50 -7.59 -3.23 2.34
CA LEU A 50 -8.78 -2.70 2.99
C LEU A 50 -9.21 -3.60 4.16
N LEU A 51 -9.51 -2.99 5.31
CA LEU A 51 -9.93 -3.75 6.46
C LEU A 51 -11.38 -3.49 6.75
N ILE A 52 -11.75 -2.25 7.07
CA ILE A 52 -13.16 -1.96 7.37
C ILE A 52 -13.74 -0.90 6.42
N LYS A 53 -14.94 -1.19 5.90
CA LYS A 53 -15.65 -0.34 4.95
C LYS A 53 -16.39 0.96 5.31
N TYR A 54 -17.02 1.08 6.48
CA TYR A 54 -17.67 2.36 6.84
C TYR A 54 -17.65 2.64 8.35
N ALA A 55 -16.46 2.74 8.92
CA ALA A 55 -16.26 2.94 10.37
C ALA A 55 -16.40 1.53 10.95
N SER A 56 -17.56 0.91 10.79
CA SER A 56 -17.77 -0.46 11.24
C SER A 56 -17.67 -1.19 9.91
N ASN A 57 -18.26 -2.37 9.79
CA ASN A 57 -18.24 -3.04 8.49
C ASN A 57 -16.90 -3.62 8.08
N LEU A 58 -16.66 -4.86 8.49
CA LEU A 58 -15.46 -5.58 8.16
C LEU A 58 -15.53 -5.93 6.69
N GLU A 59 -14.40 -5.83 5.99
CA GLU A 59 -14.35 -6.19 4.58
C GLU A 59 -14.47 -7.71 4.45
N SER A 60 -14.35 -8.23 3.24
CA SER A 60 -14.49 -9.65 3.02
C SER A 60 -13.15 -10.31 3.20
N GLY A 61 -13.12 -11.39 3.95
CA GLY A 61 -11.89 -12.11 4.14
C GLY A 61 -11.11 -11.65 5.35
N VAL A 62 -11.31 -10.42 5.77
CA VAL A 62 -10.57 -9.94 6.92
C VAL A 62 -11.12 -10.61 8.20
N PRO A 63 -10.22 -11.10 9.07
CA PRO A 63 -10.60 -11.76 10.33
C PRO A 63 -11.59 -10.91 11.14
N ALA A 64 -12.25 -11.53 12.11
CA ALA A 64 -13.23 -10.83 12.94
C ALA A 64 -12.63 -10.16 14.16
N ARG A 65 -11.30 -10.07 14.27
CA ARG A 65 -10.73 -9.43 15.43
C ARG A 65 -10.63 -7.92 15.24
N PHE A 66 -10.63 -7.51 13.99
CA PHE A 66 -10.58 -6.12 13.63
C PHE A 66 -12.01 -5.59 13.79
N SER A 67 -12.13 -4.39 14.37
CA SER A 67 -13.42 -3.77 14.60
C SER A 67 -13.30 -2.26 14.67
N GLY A 68 -13.92 -1.56 13.75
CA GLY A 68 -13.90 -0.12 13.81
C GLY A 68 -15.14 0.41 14.52
N SER A 69 -14.97 1.54 15.21
CA SER A 69 -16.02 2.24 15.92
C SER A 69 -15.74 3.73 15.76
N GLY A 70 -16.66 4.58 16.19
CA GLY A 70 -16.42 6.01 16.06
C GLY A 70 -17.56 6.82 15.49
N SER A 71 -17.83 7.96 16.12
CA SER A 71 -18.91 8.84 15.71
C SER A 71 -18.39 10.29 15.75
N GLY A 72 -18.86 11.10 14.80
CA GLY A 72 -18.44 12.49 14.75
C GLY A 72 -17.04 12.61 14.25
N THR A 73 -16.07 12.62 15.16
CA THR A 73 -14.67 12.80 14.77
C THR A 73 -13.71 11.78 15.37
N ASP A 74 -14.14 11.11 16.43
CA ASP A 74 -13.29 10.10 17.08
C ASP A 74 -13.65 8.72 16.55
N PHE A 75 -12.77 8.14 15.75
CA PHE A 75 -13.00 6.82 15.19
C PHE A 75 -11.83 5.96 15.71
N THR A 76 -12.07 4.68 15.95
CA THR A 76 -11.01 3.81 16.43
C THR A 76 -11.10 2.43 15.83
N LEU A 77 -9.94 1.84 15.58
CA LEU A 77 -9.82 0.49 15.03
C LEU A 77 -9.36 -0.33 16.20
N ASN A 78 -10.09 -1.42 16.46
CA ASN A 78 -9.83 -2.36 17.53
C ASN A 78 -9.46 -3.69 16.90
N ILE A 79 -8.43 -4.34 17.45
CA ILE A 79 -7.95 -5.66 17.03
C ILE A 79 -7.66 -6.23 18.38
N HIS A 80 -8.67 -6.74 19.09
CA HIS A 80 -8.50 -7.26 20.46
C HIS A 80 -7.67 -8.54 20.57
N PRO A 81 -8.19 -9.69 20.13
CA PRO A 81 -7.28 -10.84 20.27
C PRO A 81 -6.19 -10.60 19.24
N VAL A 82 -5.19 -9.82 19.64
CA VAL A 82 -4.07 -9.47 18.78
C VAL A 82 -3.10 -10.66 18.52
N GLU A 83 -2.61 -10.80 17.29
CA GLU A 83 -1.72 -11.90 16.91
C GLU A 83 -0.46 -11.49 16.18
N GLU A 84 0.42 -12.47 15.97
CA GLU A 84 1.70 -12.29 15.28
C GLU A 84 1.62 -11.55 13.96
N GLU A 85 0.71 -11.96 13.08
CA GLU A 85 0.61 -11.32 11.78
C GLU A 85 0.02 -9.94 11.84
N ASP A 86 -0.41 -9.51 13.00
CA ASP A 86 -0.98 -8.19 13.08
C ASP A 86 0.10 -7.09 13.14
N THR A 87 1.31 -7.40 12.69
CA THR A 87 2.39 -6.44 12.62
C THR A 87 2.14 -5.70 11.30
N ALA A 88 1.90 -4.40 11.39
CA ALA A 88 1.64 -3.61 10.21
C ALA A 88 1.42 -2.20 10.68
N THR A 89 1.23 -1.31 9.72
CA THR A 89 0.99 0.09 9.98
C THR A 89 -0.43 0.25 9.48
N TYR A 90 -1.33 0.66 10.36
CA TYR A 90 -2.76 0.82 10.02
C TYR A 90 -3.16 2.26 9.83
N TYR A 91 -3.67 2.58 8.64
CA TYR A 91 -4.08 3.94 8.26
C TYR A 91 -5.60 4.18 8.22
N CYS A 92 -6.02 5.43 8.43
CA CYS A 92 -7.44 5.77 8.34
C CYS A 92 -7.60 6.68 7.15
N GLN A 93 -8.78 6.64 6.51
CA GLN A 93 -9.08 7.45 5.32
C GLN A 93 -10.46 7.98 5.45
N HIS A 94 -10.71 9.17 4.91
CA HIS A 94 -12.05 9.78 4.93
C HIS A 94 -12.54 10.05 3.52
N SER A 95 -13.81 9.82 3.28
CA SER A 95 -14.37 10.10 1.97
C SER A 95 -15.70 10.80 2.12
N TRP A 96 -15.63 11.90 2.86
CA TRP A 96 -16.73 12.80 3.15
C TRP A 96 -16.67 13.93 2.13
N GLU A 97 -15.50 14.06 1.50
CA GLU A 97 -15.19 15.10 0.53
C GLU A 97 -13.82 14.85 -0.04
N ILE A 98 -13.60 15.33 -1.26
CA ILE A 98 -12.30 15.24 -1.89
C ILE A 98 -11.66 16.59 -1.51
N PRO A 99 -10.35 16.64 -1.28
CA PRO A 99 -9.40 15.52 -1.35
C PRO A 99 -9.59 14.50 -0.23
N TYR A 100 -9.49 13.23 -0.62
CA TYR A 100 -9.62 12.11 0.31
C TYR A 100 -8.32 12.09 1.10
N THR A 101 -8.35 12.56 2.33
CA THR A 101 -7.15 12.56 3.12
C THR A 101 -6.92 11.26 3.92
N PHE A 102 -5.70 10.77 3.82
CA PHE A 102 -5.33 9.57 4.51
C PHE A 102 -4.81 9.87 5.92
N GLY A 103 -4.49 8.83 6.66
CA GLY A 103 -4.00 9.01 8.01
C GLY A 103 -2.50 9.10 8.04
N GLY A 104 -2.00 9.56 9.19
CA GLY A 104 -0.58 9.75 9.41
C GLY A 104 0.13 8.44 9.61
N GLY A 105 -0.62 7.41 9.99
CA GLY A 105 -0.05 6.09 10.21
C GLY A 105 0.19 5.71 11.65
N THR A 106 -0.13 4.45 11.98
CA THR A 106 0.11 3.91 13.31
C THR A 106 0.67 2.51 13.16
N LYS A 107 1.94 2.40 13.57
CA LYS A 107 2.75 1.19 13.56
C LYS A 107 2.35 0.27 14.71
N LEU A 108 2.05 -0.99 14.42
CA LEU A 108 1.68 -1.93 15.47
C LEU A 108 2.75 -3.02 15.70
N GLU A 109 3.35 -3.00 16.89
CA GLU A 109 4.36 -3.96 17.33
C GLU A 109 3.72 -4.89 18.34
N ILE A 110 4.02 -6.18 18.19
CA ILE A 110 3.51 -7.23 19.06
C ILE A 110 4.70 -7.72 19.90
N LYS A 111 4.54 -7.71 21.22
CA LYS A 111 5.59 -8.16 22.12
C LYS A 111 5.42 -9.61 22.59
N ARG A 112 6.55 -10.22 22.93
CA ARG A 112 6.56 -11.61 23.37
C ARG A 112 7.71 -11.94 24.30
N ALA A 113 7.78 -13.22 24.68
CA ALA A 113 8.84 -13.70 25.56
C ALA A 113 10.09 -13.39 24.81
N ASP A 114 11.11 -12.95 25.53
CA ASP A 114 12.39 -12.58 24.95
C ASP A 114 13.09 -13.69 24.19
N ALA A 115 13.40 -13.43 22.93
CA ALA A 115 14.11 -14.37 22.10
C ALA A 115 15.55 -13.95 22.32
N ALA A 116 16.48 -14.42 21.50
CA ALA A 116 17.90 -14.08 21.66
C ALA A 116 18.53 -14.37 20.32
N PRO A 117 19.42 -13.48 19.88
CA PRO A 117 20.07 -13.64 18.59
C PRO A 117 20.90 -14.90 18.42
N THR A 118 21.01 -15.36 17.17
CA THR A 118 21.84 -16.51 16.79
C THR A 118 22.91 -15.83 15.93
N VAL A 119 24.08 -15.57 16.52
CA VAL A 119 25.17 -14.88 15.80
C VAL A 119 25.85 -15.69 14.69
N SER A 120 26.18 -15.01 13.60
CA SER A 120 26.86 -15.64 12.50
C SER A 120 27.80 -14.58 11.94
N ILE A 121 29.06 -14.98 11.74
CA ILE A 121 30.15 -14.13 11.25
C ILE A 121 30.54 -14.58 9.82
N PHE A 122 30.77 -13.66 8.90
CA PHE A 122 31.13 -14.07 7.54
C PHE A 122 32.35 -13.32 6.98
N PRO A 123 33.50 -13.98 6.91
CA PRO A 123 34.71 -13.33 6.39
C PRO A 123 34.47 -12.91 4.96
N PRO A 124 35.36 -12.05 4.42
CA PRO A 124 35.25 -11.57 3.03
C PRO A 124 35.51 -12.63 1.96
N SER A 125 34.57 -12.82 1.03
CA SER A 125 34.75 -13.80 -0.02
C SER A 125 35.96 -13.42 -0.85
N SER A 126 36.62 -14.41 -1.45
CA SER A 126 37.80 -14.18 -2.28
C SER A 126 37.52 -13.16 -3.38
N GLU A 127 36.40 -13.36 -4.05
CA GLU A 127 35.95 -12.51 -5.14
C GLU A 127 35.96 -11.02 -4.81
N GLN A 128 35.42 -10.66 -3.63
CA GLN A 128 35.35 -9.28 -3.15
C GLN A 128 36.75 -8.75 -2.90
N LEU A 129 37.56 -9.58 -2.25
CA LEU A 129 38.93 -9.26 -1.90
C LEU A 129 39.72 -8.99 -3.19
N THR A 130 39.33 -9.67 -4.26
CA THR A 130 39.96 -9.53 -5.57
C THR A 130 39.83 -8.09 -6.07
N SER A 131 38.74 -7.44 -5.70
CA SER A 131 38.47 -6.07 -6.06
C SER A 131 38.94 -5.12 -4.98
N GLY A 132 40.00 -5.49 -4.26
CA GLY A 132 40.55 -4.65 -3.21
C GLY A 132 39.70 -4.31 -1.97
N GLY A 133 38.40 -4.62 -1.97
CA GLY A 133 37.56 -4.35 -0.82
C GLY A 133 37.41 -5.54 0.11
N ALA A 134 36.99 -5.32 1.36
CA ALA A 134 36.78 -6.42 2.31
C ALA A 134 35.68 -6.19 3.33
N SER A 135 34.53 -6.82 3.10
CA SER A 135 33.41 -6.67 4.01
C SER A 135 33.15 -7.87 4.92
N VAL A 136 33.52 -7.72 6.19
CA VAL A 136 33.30 -8.78 7.21
C VAL A 136 31.84 -8.56 7.74
N VAL A 137 30.99 -9.58 7.60
CA VAL A 137 29.58 -9.49 8.00
C VAL A 137 29.14 -10.30 9.24
N CYS A 138 28.24 -9.71 10.04
CA CYS A 138 27.71 -10.35 11.25
C CYS A 138 26.16 -10.31 11.24
N PHE A 139 25.53 -11.48 11.08
CA PHE A 139 24.06 -11.58 11.10
C PHE A 139 23.68 -11.85 12.54
N LEU A 140 22.63 -11.21 13.03
CA LEU A 140 22.15 -11.45 14.38
C LEU A 140 20.70 -11.82 14.11
N ASN A 141 20.44 -13.12 14.03
CA ASN A 141 19.11 -13.60 13.71
C ASN A 141 18.28 -13.98 14.91
N ASN A 142 16.98 -13.79 14.74
CA ASN A 142 15.95 -14.15 15.69
C ASN A 142 16.08 -13.82 17.18
N PHE A 143 16.10 -12.52 17.49
CA PHE A 143 16.16 -12.02 18.86
C PHE A 143 14.94 -11.15 18.99
N TYR A 144 14.50 -10.91 20.23
CA TYR A 144 13.31 -10.11 20.35
C TYR A 144 13.42 -8.62 20.61
N PRO A 145 13.51 -8.16 21.89
CA PRO A 145 13.58 -6.70 21.98
C PRO A 145 14.58 -6.15 20.97
N LYS A 146 14.05 -5.35 20.04
CA LYS A 146 14.85 -4.74 19.00
C LYS A 146 16.07 -3.98 19.57
N ASP A 147 16.16 -3.90 20.89
CA ASP A 147 17.31 -3.24 21.49
C ASP A 147 18.51 -4.21 21.52
N ILE A 148 19.42 -3.97 20.59
CA ILE A 148 20.64 -4.74 20.47
C ILE A 148 21.66 -3.90 19.72
N ASN A 149 22.84 -3.75 20.31
CA ASN A 149 23.92 -2.99 19.67
C ASN A 149 25.00 -4.00 19.46
N VAL A 150 25.83 -3.78 18.44
CA VAL A 150 26.92 -4.71 18.12
C VAL A 150 28.24 -3.96 18.00
N LYS A 151 29.29 -4.50 18.59
CA LYS A 151 30.58 -3.85 18.50
C LYS A 151 31.52 -4.62 17.58
N TRP A 152 32.54 -3.96 17.06
CA TRP A 152 33.49 -4.60 16.16
C TRP A 152 34.90 -4.57 16.71
N LYS A 153 35.52 -5.75 16.83
CA LYS A 153 36.85 -5.84 17.36
C LYS A 153 37.84 -6.37 16.32
N ILE A 154 38.80 -5.54 15.96
CA ILE A 154 39.82 -5.93 15.00
C ILE A 154 41.07 -6.23 15.83
N ASP A 155 41.34 -7.52 16.00
CA ASP A 155 42.46 -7.97 16.79
C ASP A 155 42.40 -7.36 18.19
N GLY A 156 41.18 -7.25 18.72
CA GLY A 156 40.99 -6.67 20.04
C GLY A 156 40.60 -5.20 19.93
N SER A 157 41.16 -4.51 18.96
CA SER A 157 40.91 -3.08 18.72
C SER A 157 39.52 -2.76 18.10
N GLU A 158 38.68 -2.04 18.82
CA GLU A 158 37.36 -1.68 18.33
C GLU A 158 37.45 -0.69 17.16
N ARG A 159 36.71 -1.00 16.11
CA ARG A 159 36.69 -0.23 14.88
C ARG A 159 35.30 0.26 14.59
N GLN A 160 35.18 1.48 14.09
CA GLN A 160 33.88 2.03 13.74
C GLN A 160 33.91 2.68 12.35
N ASN A 161 35.04 2.55 11.66
CA ASN A 161 35.14 3.15 10.34
C ASN A 161 34.52 2.28 9.24
N GLY A 162 33.20 2.15 9.25
CA GLY A 162 32.57 1.35 8.21
C GLY A 162 31.34 0.54 8.55
N VAL A 163 30.87 0.63 9.79
CA VAL A 163 29.72 -0.12 10.26
C VAL A 163 28.46 0.25 9.49
N LEU A 164 27.82 -0.74 8.86
CA LEU A 164 26.62 -0.52 8.06
C LEU A 164 25.54 -1.45 8.62
N ASN A 165 24.78 -0.93 9.57
CA ASN A 165 23.72 -1.67 10.29
C ASN A 165 22.39 -1.55 9.63
N SER A 166 21.62 -2.61 9.66
CA SER A 166 20.29 -2.60 9.08
C SER A 166 19.39 -3.59 9.82
N TRP A 167 18.15 -3.20 10.06
CA TRP A 167 17.21 -4.04 10.80
C TRP A 167 16.04 -4.45 9.94
N THR A 168 15.62 -5.69 10.10
CA THR A 168 14.52 -6.23 9.34
C THR A 168 13.26 -5.85 10.07
N ASP A 169 12.15 -5.88 9.36
CA ASP A 169 10.89 -5.57 9.97
C ASP A 169 10.52 -6.67 11.02
N GLN A 170 9.62 -6.34 11.93
CA GLN A 170 9.18 -7.27 12.96
C GLN A 170 8.58 -8.48 12.20
N ASP A 171 9.03 -9.68 12.56
CA ASP A 171 8.60 -10.91 11.88
C ASP A 171 7.11 -11.28 11.98
N SER A 172 6.52 -11.73 10.88
CA SER A 172 5.10 -12.11 10.83
C SER A 172 4.70 -13.46 11.40
N LYS A 173 5.64 -14.39 11.55
CA LYS A 173 5.33 -15.68 12.15
C LYS A 173 5.76 -15.88 13.61
N ASP A 174 7.02 -15.59 13.95
CA ASP A 174 7.47 -15.72 15.33
C ASP A 174 7.76 -14.38 16.01
N SER A 175 7.46 -13.30 15.31
CA SER A 175 7.70 -11.94 15.82
C SER A 175 9.03 -11.58 16.50
N THR A 176 10.12 -11.92 15.82
CA THR A 176 11.45 -11.62 16.28
C THR A 176 11.95 -10.59 15.28
N TYR A 177 13.21 -10.16 15.44
CA TYR A 177 13.88 -9.21 14.54
C TYR A 177 15.21 -9.84 14.21
N SER A 178 15.88 -9.29 13.19
CA SER A 178 17.19 -9.73 12.79
C SER A 178 17.87 -8.49 12.33
N MET A 179 19.19 -8.57 12.16
CA MET A 179 19.99 -7.43 11.72
C MET A 179 21.24 -7.85 10.96
N SER A 180 21.62 -7.07 9.97
CA SER A 180 22.83 -7.38 9.25
C SER A 180 23.79 -6.30 9.71
N SER A 181 25.04 -6.70 9.97
CA SER A 181 26.07 -5.76 10.38
C SER A 181 27.33 -5.95 9.54
N THR A 182 27.64 -4.99 8.68
CA THR A 182 28.82 -5.08 7.81
C THR A 182 29.91 -4.10 8.18
N LEU A 183 31.14 -4.58 8.16
CA LEU A 183 32.26 -3.73 8.46
C LEU A 183 33.04 -3.73 7.16
N THR A 184 33.28 -2.55 6.62
CA THR A 184 34.01 -2.46 5.36
C THR A 184 35.40 -1.94 5.61
N LEU A 185 36.39 -2.65 5.08
CA LEU A 185 37.79 -2.27 5.23
C LEU A 185 38.43 -2.33 3.82
N THR A 186 39.74 -2.06 3.78
CA THR A 186 40.46 -2.15 2.52
C THR A 186 41.12 -3.50 2.59
N LYS A 187 41.44 -4.09 1.44
CA LYS A 187 42.10 -5.39 1.44
C LYS A 187 43.39 -5.25 2.27
N ASP A 188 43.99 -4.06 2.24
CA ASP A 188 45.21 -3.78 3.01
C ASP A 188 44.96 -3.86 4.50
N GLU A 189 44.19 -2.92 5.05
CA GLU A 189 43.86 -2.95 6.47
C GLU A 189 43.58 -4.39 6.88
N TYR A 190 42.68 -5.02 6.12
CA TYR A 190 42.27 -6.38 6.38
C TYR A 190 43.43 -7.36 6.53
N GLU A 191 44.24 -7.52 5.48
CA GLU A 191 45.37 -8.48 5.51
C GLU A 191 46.35 -8.25 6.65
N ARG A 192 46.39 -7.03 7.15
CA ARG A 192 47.24 -6.64 8.28
C ARG A 192 46.81 -7.33 9.58
N HIS A 193 45.49 -7.45 9.76
CA HIS A 193 44.86 -8.05 10.94
C HIS A 193 44.68 -9.60 10.91
N ASN A 194 44.17 -10.15 12.00
CA ASN A 194 43.96 -11.60 12.06
C ASN A 194 42.73 -12.08 12.84
N SER A 195 42.52 -11.55 14.06
CA SER A 195 41.36 -11.95 14.84
C SER A 195 40.23 -10.92 14.81
N TYR A 196 39.21 -11.19 14.00
CA TYR A 196 38.04 -10.30 13.82
C TYR A 196 36.88 -10.74 14.72
N THR A 197 36.37 -9.81 15.53
CA THR A 197 35.32 -10.12 16.49
C THR A 197 34.04 -9.26 16.43
N CYS A 198 32.91 -9.91 16.59
CA CYS A 198 31.59 -9.31 16.57
C CYS A 198 30.96 -9.83 17.85
N GLU A 199 30.65 -8.94 18.77
CA GLU A 199 30.03 -9.33 20.03
C GLU A 199 28.75 -8.55 20.27
N ALA A 200 27.64 -9.23 20.01
CA ALA A 200 26.31 -8.66 20.16
C ALA A 200 25.95 -8.33 21.60
N THR A 201 25.37 -7.15 21.82
CA THR A 201 24.94 -6.76 23.16
C THR A 201 23.41 -6.58 23.07
N HIS A 202 22.68 -7.34 23.88
CA HIS A 202 21.25 -7.36 23.84
C HIS A 202 20.67 -7.66 25.23
N LYS A 203 19.45 -7.19 25.50
CA LYS A 203 18.77 -7.40 26.79
C LYS A 203 19.01 -8.78 27.36
N THR A 204 18.54 -9.79 26.62
CA THR A 204 18.68 -11.19 26.99
C THR A 204 20.13 -11.64 26.80
N SER A 205 20.94 -11.45 27.85
CA SER A 205 22.38 -11.80 27.91
C SER A 205 23.10 -10.92 28.98
N THR A 206 23.72 -11.55 29.98
CA THR A 206 24.40 -10.79 31.02
C THR A 206 25.73 -10.23 30.50
N SER A 207 26.22 -10.81 29.42
CA SER A 207 27.46 -10.37 28.80
C SER A 207 27.16 -10.28 27.31
N PRO A 208 28.16 -9.88 26.49
CA PRO A 208 27.85 -9.82 25.07
C PRO A 208 28.01 -11.20 24.48
N ILE A 209 27.18 -11.48 23.49
CA ILE A 209 27.24 -12.73 22.76
C ILE A 209 28.41 -12.38 21.89
N VAL A 210 29.13 -13.36 21.40
CA VAL A 210 30.26 -13.03 20.58
C VAL A 210 30.67 -14.19 19.63
N LYS A 211 31.22 -13.81 18.49
CA LYS A 211 31.70 -14.77 17.50
C LYS A 211 32.90 -14.07 16.85
N SER A 212 33.77 -14.83 16.22
CA SER A 212 34.98 -14.28 15.59
C SER A 212 35.61 -15.31 14.67
N PHE A 213 36.82 -15.02 14.21
CA PHE A 213 37.55 -15.94 13.36
C PHE A 213 38.90 -15.30 13.08
N ASN A 214 39.83 -16.14 12.61
CA ASN A 214 41.17 -15.68 12.27
C ASN A 214 41.27 -15.58 10.77
N ARG A 215 41.51 -14.36 10.29
CA ARG A 215 41.64 -14.08 8.87
C ARG A 215 42.66 -15.01 8.26
N ASN A 216 42.45 -15.37 7.00
CA ASN A 216 43.44 -16.17 6.28
C ASN A 216 43.48 -16.00 4.78
N GLU A 217 44.69 -15.68 4.29
CA GLU A 217 45.03 -15.47 2.86
C GLU A 217 43.92 -15.69 1.83
N ASP B 1 -8.82 -13.58 -8.94
CA ASP B 1 -9.84 -12.71 -9.60
C ASP B 1 -9.35 -11.37 -9.12
N VAL B 2 -9.46 -10.35 -9.97
CA VAL B 2 -9.06 -8.99 -9.61
C VAL B 2 -7.56 -8.98 -9.38
N GLN B 3 -6.84 -8.20 -10.18
CA GLN B 3 -5.38 -8.13 -10.10
C GLN B 3 -4.94 -6.79 -10.66
N LEU B 4 -3.86 -6.24 -10.11
CA LEU B 4 -3.34 -4.95 -10.57
C LEU B 4 -1.85 -4.96 -10.91
N GLN B 5 -1.52 -5.24 -12.17
CA GLN B 5 -0.12 -5.25 -12.58
C GLN B 5 0.34 -3.85 -13.00
N GLU B 6 1.48 -3.40 -12.47
CA GLU B 6 2.02 -2.08 -12.80
C GLU B 6 3.44 -2.13 -13.42
N SER B 7 3.84 -1.03 -14.05
CA SER B 7 5.13 -0.90 -14.68
C SER B 7 6.21 -1.04 -13.62
N GLY B 8 7.41 -1.44 -14.03
CA GLY B 8 8.50 -1.64 -13.09
C GLY B 8 9.20 -0.41 -12.56
N PRO B 9 10.36 -0.58 -11.93
CA PRO B 9 11.07 0.58 -11.40
C PRO B 9 11.60 1.51 -12.48
N GLY B 10 11.90 2.75 -12.11
CA GLY B 10 12.42 3.68 -13.08
C GLY B 10 13.25 4.82 -12.52
N LEU B 11 14.54 4.89 -12.87
CA LEU B 11 15.36 6.00 -12.40
C LEU B 11 15.06 7.02 -13.48
N VAL B 12 14.95 8.28 -13.09
CA VAL B 12 14.68 9.31 -14.07
C VAL B 12 15.40 10.56 -13.68
N LYS B 13 15.94 11.27 -14.66
CA LYS B 13 16.64 12.52 -14.38
C LYS B 13 15.57 13.57 -14.05
N PRO B 14 15.87 14.54 -13.20
CA PRO B 14 14.85 15.55 -12.86
C PRO B 14 14.42 16.40 -14.05
N SER B 15 13.28 16.02 -14.64
CA SER B 15 12.65 16.69 -15.76
C SER B 15 12.42 15.90 -17.03
N GLN B 16 12.23 14.58 -16.97
CA GLN B 16 11.99 13.89 -18.24
C GLN B 16 10.94 12.79 -18.45
N SER B 17 9.72 13.08 -18.02
CA SER B 17 8.55 12.22 -18.14
C SER B 17 8.64 10.71 -18.25
N LEU B 18 7.59 10.06 -17.75
CA LEU B 18 7.45 8.61 -17.74
C LEU B 18 6.00 8.33 -17.44
N SER B 19 5.57 7.11 -17.70
CA SER B 19 4.19 6.76 -17.45
C SER B 19 4.07 5.44 -16.74
N LEU B 20 3.46 5.47 -15.57
CA LEU B 20 3.22 4.26 -14.81
C LEU B 20 2.02 3.56 -15.47
N THR B 21 1.47 2.52 -14.84
CA THR B 21 0.37 1.79 -15.45
C THR B 21 -0.30 0.79 -14.51
N CYS B 22 -1.43 0.26 -14.97
CA CYS B 22 -2.17 -0.73 -14.23
C CYS B 22 -3.06 -1.54 -15.13
N THR B 23 -2.52 -2.66 -15.62
CA THR B 23 -3.26 -3.60 -16.46
C THR B 23 -4.14 -4.28 -15.43
N VAL B 24 -5.40 -4.59 -15.75
CA VAL B 24 -6.25 -5.13 -14.72
C VAL B 24 -7.03 -6.41 -14.90
N THR B 25 -6.41 -7.50 -14.44
CA THR B 25 -7.03 -8.81 -14.55
C THR B 25 -8.35 -8.80 -13.79
N GLY B 26 -9.11 -9.89 -13.87
CA GLY B 26 -10.36 -9.97 -13.14
C GLY B 26 -11.39 -8.97 -13.64
N TYR B 27 -11.06 -8.34 -14.78
CA TYR B 27 -11.97 -7.41 -15.45
C TYR B 27 -11.47 -6.87 -16.82
N SER B 28 -12.07 -5.78 -17.28
CA SER B 28 -11.75 -5.20 -18.58
C SER B 28 -11.67 -3.68 -18.60
N ILE B 29 -12.36 -3.02 -17.67
CA ILE B 29 -12.46 -1.54 -17.57
C ILE B 29 -13.44 -0.97 -18.62
N THR B 30 -14.52 -0.41 -18.10
CA THR B 30 -15.62 0.16 -18.86
C THR B 30 -16.53 0.50 -17.71
N SER B 31 -17.26 -0.50 -17.22
CA SER B 31 -18.18 -0.35 -16.10
C SER B 31 -17.42 0.15 -14.87
N ASP B 32 -16.11 0.21 -15.01
CA ASP B 32 -15.18 0.72 -14.03
C ASP B 32 -14.50 -0.15 -12.98
N TYR B 33 -13.26 0.25 -12.75
CA TYR B 33 -12.32 -0.31 -11.77
C TYR B 33 -11.79 1.06 -11.33
N ALA B 34 -12.69 2.04 -11.17
CA ALA B 34 -12.24 3.38 -10.85
C ALA B 34 -10.93 3.54 -10.09
N TRP B 35 -9.95 3.97 -10.86
CA TRP B 35 -8.63 4.21 -10.34
C TRP B 35 -8.69 5.25 -9.27
N ASN B 36 -7.70 5.22 -8.41
CA ASN B 36 -7.58 6.21 -7.39
C ASN B 36 -6.11 6.15 -7.09
N TRP B 37 -5.38 7.01 -7.76
CA TRP B 37 -3.95 7.08 -7.61
C TRP B 37 -3.49 7.57 -6.23
N ILE B 38 -2.45 6.90 -5.72
CA ILE B 38 -1.87 7.23 -4.44
C ILE B 38 -0.35 7.32 -4.56
N ARG B 39 0.25 8.20 -3.78
CA ARG B 39 1.70 8.42 -3.78
C ARG B 39 2.18 8.05 -2.38
N GLN B 40 3.45 7.65 -2.26
CA GLN B 40 4.01 7.28 -0.96
C GLN B 40 5.51 7.56 -0.87
N PHE B 41 5.87 8.76 -0.37
CA PHE B 41 7.26 9.20 -0.19
C PHE B 41 7.97 8.14 0.64
N PRO B 42 9.30 7.96 0.44
CA PRO B 42 10.00 6.95 1.23
C PRO B 42 9.98 7.35 2.68
N GLY B 43 9.40 6.49 3.52
CA GLY B 43 9.28 6.77 4.96
C GLY B 43 7.92 6.32 5.49
N ASN B 44 6.86 7.04 5.11
CA ASN B 44 5.48 6.71 5.53
C ASN B 44 4.51 7.87 5.19
N LYS B 45 4.04 7.94 3.96
CA LYS B 45 3.15 9.05 3.61
C LYS B 45 2.18 8.81 2.48
N LEU B 46 1.03 8.22 2.78
CA LEU B 46 0.01 7.98 1.77
C LEU B 46 -0.65 9.30 1.39
N GLU B 47 -0.39 9.81 0.19
CA GLU B 47 -1.03 11.06 -0.27
C GLU B 47 -1.94 10.73 -1.45
N TRP B 48 -3.23 11.06 -1.34
CA TRP B 48 -4.19 10.79 -2.41
C TRP B 48 -3.90 11.70 -3.60
N MET B 49 -3.64 11.07 -4.76
CA MET B 49 -3.32 11.78 -5.99
C MET B 49 -4.52 12.30 -6.73
N GLY B 50 -5.54 11.46 -6.89
CA GLY B 50 -6.77 11.83 -7.60
C GLY B 50 -7.41 10.62 -8.24
N TYR B 51 -8.52 10.81 -8.97
CA TYR B 51 -9.17 9.66 -9.62
C TYR B 51 -9.59 9.79 -11.07
N ILE B 52 -10.21 8.72 -11.57
CA ILE B 52 -10.73 8.69 -12.94
C ILE B 52 -11.84 7.65 -12.97
N THR B 53 -12.95 8.02 -13.62
CA THR B 53 -14.10 7.13 -13.72
C THR B 53 -14.48 6.69 -15.13
N TYR B 54 -15.52 5.85 -15.16
CA TYR B 54 -16.15 5.25 -16.35
C TYR B 54 -16.57 6.31 -17.40
N SER B 55 -16.93 7.49 -16.89
CA SER B 55 -17.37 8.61 -17.71
C SER B 55 -16.26 9.16 -18.60
N GLY B 56 -15.03 9.09 -18.09
CA GLY B 56 -13.89 9.58 -18.85
C GLY B 56 -13.18 10.72 -18.16
N THR B 57 -13.93 11.73 -17.72
CA THR B 57 -13.29 12.85 -17.07
C THR B 57 -12.56 12.33 -15.85
N THR B 58 -11.61 13.11 -15.34
CA THR B 58 -10.86 12.72 -14.16
C THR B 58 -11.10 13.76 -13.10
N SER B 59 -10.30 13.75 -12.04
CA SER B 59 -10.44 14.71 -10.97
C SER B 59 -9.18 14.62 -10.13
N TYR B 60 -8.29 15.57 -10.34
CA TYR B 60 -6.99 15.60 -9.65
C TYR B 60 -7.08 16.35 -8.33
N ASN B 61 -6.44 15.79 -7.31
CA ASN B 61 -6.43 16.37 -5.97
C ASN B 61 -6.04 17.82 -6.07
N PRO B 62 -6.71 18.71 -5.31
CA PRO B 62 -6.33 20.12 -5.42
C PRO B 62 -4.83 20.31 -5.36
N SER B 63 -4.23 19.91 -4.25
CA SER B 63 -2.79 20.04 -4.04
C SER B 63 -2.03 20.05 -5.36
N LEU B 64 -1.60 18.88 -5.82
CA LEU B 64 -0.85 18.80 -7.06
C LEU B 64 -1.62 18.18 -8.19
N LYS B 65 -2.17 19.08 -8.99
CA LYS B 65 -3.00 18.83 -10.16
C LYS B 65 -2.23 18.67 -11.47
N SER B 66 -2.12 19.79 -12.19
CA SER B 66 -1.47 19.88 -13.50
C SER B 66 -0.01 19.43 -13.53
N ARG B 67 0.35 18.75 -14.63
CA ARG B 67 1.69 18.19 -14.94
C ARG B 67 1.77 16.74 -14.53
N ILE B 68 0.66 16.25 -14.03
CA ILE B 68 0.50 14.89 -13.56
C ILE B 68 -0.82 14.54 -14.27
N SER B 69 -0.92 13.37 -14.89
CA SER B 69 -2.15 13.07 -15.60
C SER B 69 -2.58 11.62 -15.46
N ILE B 70 -3.74 11.29 -16.03
CA ILE B 70 -4.25 9.93 -15.96
C ILE B 70 -4.98 9.52 -17.24
N SER B 71 -4.43 8.55 -17.99
CA SER B 71 -5.00 8.10 -19.27
C SER B 71 -5.76 6.75 -19.27
N ARG B 72 -6.31 6.36 -20.44
CA ARG B 72 -7.13 5.16 -20.56
C ARG B 72 -7.07 4.21 -21.78
N ASP B 73 -6.08 3.32 -21.83
CA ASP B 73 -5.98 2.36 -22.94
C ASP B 73 -6.75 1.06 -22.61
N THR B 74 -8.08 1.16 -22.54
CA THR B 74 -8.98 0.03 -22.22
C THR B 74 -8.88 -1.28 -23.01
N SER B 75 -8.86 -1.18 -24.33
CA SER B 75 -8.73 -2.37 -25.17
C SER B 75 -7.46 -3.11 -24.65
N LYS B 76 -6.41 -2.33 -24.40
CA LYS B 76 -5.17 -2.87 -23.84
C LYS B 76 -5.28 -2.64 -22.33
N ASN B 77 -6.45 -3.00 -21.80
CA ASN B 77 -6.81 -2.93 -20.38
C ASN B 77 -5.87 -2.17 -19.45
N GLN B 78 -5.75 -0.87 -19.63
CA GLN B 78 -4.86 -0.07 -18.79
C GLN B 78 -5.25 1.39 -18.59
N PHE B 79 -4.85 1.94 -17.47
CA PHE B 79 -5.05 3.35 -17.20
C PHE B 79 -3.59 3.73 -16.90
N PHE B 80 -3.15 4.93 -17.25
CA PHE B 80 -1.75 5.34 -17.05
C PHE B 80 -1.68 6.59 -16.18
N MET B 81 -0.47 7.03 -15.84
CA MET B 81 -0.27 8.25 -15.07
C MET B 81 1.10 8.79 -15.44
N GLN B 82 1.17 10.10 -15.71
CA GLN B 82 2.44 10.76 -16.07
C GLN B 82 2.80 11.83 -15.07
N LEU B 83 4.10 12.04 -14.86
CA LEU B 83 4.57 13.08 -13.97
C LEU B 83 5.52 13.94 -14.82
N ASN B 84 4.99 14.96 -15.49
CA ASN B 84 5.83 15.85 -16.29
C ASN B 84 6.75 16.63 -15.33
N SER B 85 7.82 17.20 -15.88
CA SER B 85 8.75 18.00 -15.09
C SER B 85 9.02 17.38 -13.70
N VAL B 86 9.48 16.13 -13.69
CA VAL B 86 9.79 15.43 -12.44
C VAL B 86 10.80 16.23 -11.60
N THR B 87 10.65 16.19 -10.28
CA THR B 87 11.53 16.90 -9.33
C THR B 87 11.97 15.90 -8.24
N THR B 88 13.06 16.18 -7.52
CA THR B 88 13.55 15.27 -6.47
C THR B 88 12.46 15.05 -5.46
N GLU B 89 11.61 16.06 -5.34
CA GLU B 89 10.49 16.00 -4.43
C GLU B 89 9.41 15.09 -5.03
N ASP B 90 9.78 14.14 -5.88
CA ASP B 90 8.78 13.26 -6.48
C ASP B 90 9.11 11.82 -6.29
N THR B 91 10.23 11.51 -5.65
CA THR B 91 10.62 10.15 -5.43
C THR B 91 9.73 9.48 -4.39
N GLY B 92 9.17 8.32 -4.77
CA GLY B 92 8.31 7.52 -3.91
C GLY B 92 7.64 6.43 -4.73
N THR B 93 6.76 5.64 -4.12
CA THR B 93 6.04 4.63 -4.91
C THR B 93 4.60 5.13 -5.19
N PHE B 94 4.06 4.71 -6.33
CA PHE B 94 2.74 5.11 -6.75
C PHE B 94 1.84 3.89 -6.94
N TYR B 95 0.76 3.83 -6.17
CA TYR B 95 -0.19 2.73 -6.26
C TYR B 95 -1.53 3.15 -6.89
N CYS B 96 -2.01 2.33 -7.81
CA CYS B 96 -3.32 2.55 -8.39
C CYS B 96 -4.15 1.68 -7.48
N THR B 97 -5.43 1.97 -7.38
CA THR B 97 -6.34 1.26 -6.50
C THR B 97 -7.67 1.24 -7.23
N ARG B 98 -8.46 0.19 -7.01
CA ARG B 98 -9.73 0.12 -7.65
C ARG B 98 -10.69 0.82 -6.72
N GLY B 99 -11.72 1.49 -7.27
CA GLY B 99 -12.74 2.18 -6.49
C GLY B 99 -13.74 1.25 -5.78
N ASN B 100 -13.25 0.13 -5.23
CA ASN B 100 -14.01 -0.87 -4.46
C ASN B 100 -13.24 -2.13 -4.02
N GLY B 101 -11.94 -2.00 -3.89
CA GLY B 101 -11.18 -3.14 -3.46
C GLY B 101 -9.77 -3.01 -3.97
N ASP B 102 -9.03 -4.11 -3.92
CA ASP B 102 -7.66 -4.18 -4.41
C ASP B 102 -6.82 -2.94 -4.72
N TRP B 103 -5.57 -3.07 -4.35
CA TRP B 103 -4.55 -2.08 -4.55
C TRP B 103 -3.50 -2.77 -5.41
N GLY B 104 -2.65 -2.00 -6.08
CA GLY B 104 -1.61 -2.60 -6.88
C GLY B 104 -0.35 -2.63 -6.05
N GLN B 105 0.59 -3.49 -6.42
CA GLN B 105 1.86 -3.62 -5.71
C GLN B 105 2.78 -2.35 -5.84
N GLY B 106 2.28 -1.30 -6.47
CA GLY B 106 3.03 -0.06 -6.59
C GLY B 106 4.21 0.03 -7.53
N THR B 107 4.47 1.26 -8.01
CA THR B 107 5.62 1.51 -8.89
C THR B 107 6.53 2.47 -8.14
N THR B 108 7.82 2.17 -8.11
CA THR B 108 8.81 3.03 -7.46
C THR B 108 9.49 3.87 -8.53
N LEU B 109 9.64 5.16 -8.24
CA LEU B 109 10.37 6.06 -9.09
C LEU B 109 11.36 6.77 -8.18
N THR B 110 12.52 7.09 -8.74
CA THR B 110 13.58 7.79 -8.02
C THR B 110 14.02 8.92 -8.92
N VAL B 111 14.72 9.92 -8.38
CA VAL B 111 15.12 11.09 -9.17
C VAL B 111 16.35 11.77 -8.58
N SER B 112 17.55 11.38 -9.04
CA SER B 112 18.79 11.97 -8.53
C SER B 112 19.77 12.32 -9.64
N SER B 113 21.04 12.49 -9.28
CA SER B 113 22.13 12.84 -10.21
C SER B 113 22.21 11.88 -11.37
N ALA B 114 21.28 10.93 -11.36
CA ALA B 114 21.15 9.90 -12.36
C ALA B 114 22.29 8.93 -12.10
N LYS B 115 22.59 8.15 -13.13
CA LYS B 115 23.62 7.14 -13.11
C LYS B 115 23.18 5.94 -12.27
N THR B 116 22.81 4.90 -13.01
CA THR B 116 22.38 3.61 -12.50
C THR B 116 23.67 2.82 -12.17
N THR B 117 23.64 2.02 -11.11
CA THR B 117 24.79 1.22 -10.73
C THR B 117 24.35 -0.15 -10.23
N PRO B 118 24.89 -1.23 -10.87
CA PRO B 118 24.58 -2.62 -10.53
C PRO B 118 25.27 -3.01 -9.25
N PRO B 119 24.62 -3.85 -8.42
CA PRO B 119 25.23 -4.26 -7.17
C PRO B 119 26.36 -5.23 -7.38
N SER B 120 27.31 -5.23 -6.46
CA SER B 120 28.39 -6.18 -6.53
C SER B 120 27.81 -7.23 -5.59
N VAL B 121 27.55 -8.41 -6.13
CA VAL B 121 26.98 -9.50 -5.32
C VAL B 121 28.06 -10.47 -4.91
N TYR B 122 28.35 -10.53 -3.62
CA TYR B 122 29.37 -11.42 -3.07
C TYR B 122 28.78 -12.45 -2.11
N PRO B 123 29.00 -13.75 -2.40
CA PRO B 123 28.52 -14.87 -1.60
C PRO B 123 29.23 -14.91 -0.26
N LEU B 124 28.54 -15.38 0.79
CA LEU B 124 29.13 -15.45 2.11
C LEU B 124 28.84 -16.82 2.76
N ALA B 125 29.78 -17.75 2.66
CA ALA B 125 29.60 -19.06 3.28
C ALA B 125 30.37 -19.08 4.59
N PRO B 126 29.87 -19.82 5.58
CA PRO B 126 30.47 -19.96 6.91
C PRO B 126 31.98 -19.98 6.81
N GLY B 127 32.62 -18.98 7.41
CA GLY B 127 34.08 -18.82 7.41
C GLY B 127 34.96 -20.06 7.59
N SER B 128 34.36 -21.15 8.04
CA SER B 128 35.06 -22.42 8.24
C SER B 128 33.99 -23.53 8.18
N ALA B 129 33.94 -24.27 7.07
CA ALA B 129 32.98 -25.37 6.83
C ALA B 129 32.48 -26.17 8.06
N ALA B 130 33.34 -26.34 9.06
CA ALA B 130 33.09 -27.03 10.33
C ALA B 130 31.67 -27.53 10.76
N GLN B 131 30.64 -26.69 10.56
CA GLN B 131 29.22 -26.96 10.90
C GLN B 131 28.86 -28.25 11.68
N THR B 132 28.06 -29.12 11.06
CA THR B 132 27.63 -30.39 11.67
C THR B 132 26.53 -30.30 12.77
N ASN B 133 25.90 -29.13 12.89
CA ASN B 133 24.81 -28.92 13.85
C ASN B 133 23.58 -28.80 12.96
N SER B 134 22.45 -29.36 13.39
CA SER B 134 21.23 -29.32 12.58
C SER B 134 21.13 -28.41 11.34
N MET B 135 21.59 -27.16 11.39
CA MET B 135 21.47 -26.28 10.22
C MET B 135 22.53 -25.20 10.00
N VAL B 136 22.65 -24.73 8.77
CA VAL B 136 23.67 -23.74 8.40
C VAL B 136 23.04 -22.39 8.09
N THR B 137 23.85 -21.32 8.18
CA THR B 137 23.36 -19.99 7.86
C THR B 137 24.30 -19.43 6.82
N LEU B 138 23.75 -19.32 5.61
CA LEU B 138 24.45 -18.85 4.45
C LEU B 138 23.99 -17.44 4.23
N GLY B 139 24.65 -16.74 3.33
CA GLY B 139 24.22 -15.41 3.03
C GLY B 139 24.92 -14.92 1.79
N CYS B 140 24.41 -13.82 1.27
CA CYS B 140 25.03 -13.17 0.14
C CYS B 140 24.70 -11.66 0.26
N LEU B 141 25.74 -10.86 0.08
CA LEU B 141 25.68 -9.41 0.24
C LEU B 141 25.58 -8.68 -1.07
N VAL B 142 24.64 -7.75 -1.12
CA VAL B 142 24.38 -6.96 -2.30
C VAL B 142 24.94 -5.55 -2.09
N LYS B 143 26.23 -5.38 -2.33
CA LYS B 143 26.91 -4.10 -2.10
C LYS B 143 26.87 -3.06 -3.22
N GLY B 144 26.80 -1.81 -2.80
CA GLY B 144 26.85 -0.67 -3.70
C GLY B 144 26.20 -0.52 -5.07
N TYR B 145 24.89 -0.33 -5.05
CA TYR B 145 24.09 -0.10 -6.24
C TYR B 145 23.33 1.20 -6.07
N PHE B 146 22.53 1.54 -7.07
CA PHE B 146 21.67 2.73 -7.10
C PHE B 146 20.93 2.72 -8.45
N PRO B 147 19.61 2.96 -8.44
CA PRO B 147 18.79 3.22 -7.27
C PRO B 147 18.20 1.88 -6.80
N GLU B 148 16.99 1.92 -6.27
CA GLU B 148 16.29 0.73 -5.77
C GLU B 148 15.10 0.23 -6.61
N PRO B 149 14.65 -1.01 -6.37
CA PRO B 149 15.24 -1.90 -5.37
C PRO B 149 16.00 -3.00 -6.06
N VAL B 150 16.39 -3.98 -5.25
CA VAL B 150 17.10 -5.16 -5.66
C VAL B 150 16.07 -6.25 -5.38
N THR B 151 16.27 -7.45 -5.90
CA THR B 151 15.32 -8.51 -5.61
C THR B 151 16.14 -9.75 -5.51
N VAL B 152 16.56 -10.07 -4.28
CA VAL B 152 17.34 -11.28 -4.06
C VAL B 152 16.45 -12.38 -3.54
N THR B 153 16.43 -13.47 -4.29
CA THR B 153 15.66 -14.63 -3.96
C THR B 153 16.68 -15.75 -3.84
N TRP B 154 16.26 -16.87 -3.28
CA TRP B 154 17.17 -17.99 -3.10
C TRP B 154 16.71 -19.17 -3.92
N ASN B 155 17.59 -19.69 -4.77
CA ASN B 155 17.25 -20.82 -5.63
C ASN B 155 15.94 -20.45 -6.33
N SER B 156 15.92 -19.30 -7.00
CA SER B 156 14.73 -18.84 -7.70
C SER B 156 13.46 -18.66 -6.85
N GLY B 157 13.59 -18.85 -5.53
CA GLY B 157 12.44 -18.71 -4.65
C GLY B 157 12.07 -20.01 -3.96
N SER B 158 12.60 -21.11 -4.49
CA SER B 158 12.34 -22.43 -3.92
C SER B 158 12.50 -22.35 -2.39
N LEU B 159 13.49 -21.57 -1.93
CA LEU B 159 13.78 -21.42 -0.50
C LEU B 159 13.18 -20.22 0.19
N SER B 160 12.03 -20.39 0.82
CA SER B 160 11.42 -19.28 1.55
C SER B 160 11.27 -19.57 3.05
N SER B 161 12.40 -19.83 3.72
CA SER B 161 12.44 -20.09 5.16
C SER B 161 13.81 -19.78 5.77
N GLY B 162 13.80 -19.03 6.85
CA GLY B 162 15.05 -18.64 7.45
C GLY B 162 15.60 -17.53 6.58
N VAL B 163 14.83 -17.17 5.55
CA VAL B 163 15.17 -16.11 4.58
C VAL B 163 14.87 -14.69 5.09
N HIS B 164 15.94 -14.02 5.50
CA HIS B 164 15.88 -12.64 5.99
C HIS B 164 16.55 -11.72 4.98
N THR B 165 15.81 -10.84 4.32
CA THR B 165 16.51 -9.93 3.45
C THR B 165 16.43 -8.66 4.23
N PHE B 166 17.59 -8.17 4.62
CA PHE B 166 17.70 -6.97 5.42
C PHE B 166 17.62 -5.74 4.53
N PRO B 167 16.94 -4.69 5.01
CA PRO B 167 16.78 -3.43 4.27
C PRO B 167 18.11 -2.80 3.80
N ALA B 168 18.02 -2.06 2.70
CA ALA B 168 19.18 -1.38 2.17
C ALA B 168 19.43 -0.08 2.92
N VAL B 169 20.70 0.24 3.09
CA VAL B 169 21.16 1.46 3.77
C VAL B 169 21.87 2.33 2.73
N LEU B 170 21.49 3.60 2.63
CA LEU B 170 22.15 4.52 1.71
C LEU B 170 23.60 4.78 2.13
N GLN B 171 24.47 3.83 1.82
CA GLN B 171 25.88 3.95 2.16
C GLN B 171 26.66 4.75 1.09
N SER B 172 26.88 6.04 1.37
CA SER B 172 27.62 6.95 0.48
C SER B 172 27.06 7.13 -0.92
N ASP B 173 25.84 7.64 -1.04
CA ASP B 173 25.18 7.84 -2.34
C ASP B 173 24.92 6.52 -3.05
N LEU B 174 25.26 5.41 -2.40
CA LEU B 174 25.07 4.07 -2.96
C LEU B 174 24.50 3.16 -1.89
N TYR B 175 23.57 2.31 -2.32
CA TYR B 175 22.89 1.38 -1.45
C TYR B 175 23.66 0.09 -1.24
N THR B 176 23.32 -0.61 -0.17
CA THR B 176 23.92 -1.90 0.12
C THR B 176 22.93 -2.70 0.93
N LEU B 177 22.80 -3.98 0.59
CA LEU B 177 21.84 -4.85 1.27
C LEU B 177 22.42 -6.24 1.63
N SER B 178 21.64 -7.02 2.38
CA SER B 178 22.03 -8.36 2.83
C SER B 178 20.85 -9.30 2.92
N SER B 179 21.11 -10.60 2.74
CA SER B 179 20.08 -11.64 2.83
C SER B 179 20.63 -12.95 3.43
N SER B 180 19.97 -13.52 4.44
CA SER B 180 20.47 -14.77 5.01
C SER B 180 19.50 -15.94 4.85
N VAL B 181 20.08 -17.11 4.57
CA VAL B 181 19.34 -18.36 4.39
C VAL B 181 19.86 -19.47 5.31
N THR B 182 18.96 -19.98 6.13
CA THR B 182 19.25 -21.03 7.08
C THR B 182 18.65 -22.34 6.58
N VAL B 183 19.39 -22.99 5.68
CA VAL B 183 18.97 -24.25 5.10
C VAL B 183 19.51 -25.35 6.03
N PRO B 184 18.84 -26.53 6.11
CA PRO B 184 19.29 -27.62 6.97
C PRO B 184 20.78 -27.94 6.81
N SER B 185 21.45 -28.22 7.92
CA SER B 185 22.87 -28.56 7.88
C SER B 185 23.10 -29.78 6.98
N SER B 186 22.05 -30.55 6.74
CA SER B 186 22.13 -31.74 5.90
C SER B 186 22.47 -31.46 4.43
N PRO B 187 21.70 -30.59 3.72
CA PRO B 187 21.96 -30.27 2.31
C PRO B 187 23.32 -29.71 1.95
N ARG B 188 23.57 -28.45 2.36
CA ARG B 188 24.84 -27.79 2.08
C ARG B 188 25.91 -28.72 2.64
N PRO B 189 27.04 -28.86 1.93
CA PRO B 189 27.42 -28.25 0.65
C PRO B 189 27.06 -29.08 -0.56
N SER B 190 26.85 -30.38 -0.34
CA SER B 190 26.48 -31.35 -1.38
C SER B 190 25.43 -30.74 -2.28
N GLU B 191 24.34 -30.31 -1.67
CA GLU B 191 23.24 -29.62 -2.36
C GLU B 191 23.63 -28.15 -2.65
N THR B 192 23.40 -27.75 -3.89
CA THR B 192 23.70 -26.41 -4.38
C THR B 192 22.67 -25.48 -3.81
N VAL B 193 23.09 -24.25 -3.51
CA VAL B 193 22.23 -23.16 -3.01
C VAL B 193 22.76 -21.97 -3.81
N THR B 194 21.87 -21.23 -4.49
CA THR B 194 22.29 -20.10 -5.34
C THR B 194 21.49 -18.82 -5.12
N CYS B 195 22.14 -17.79 -4.54
CA CYS B 195 21.43 -16.52 -4.31
C CYS B 195 21.32 -15.74 -5.60
N ASN B 196 20.07 -15.55 -6.01
CA ASN B 196 19.79 -14.86 -7.26
C ASN B 196 19.44 -13.40 -7.00
N VAL B 197 20.23 -12.52 -7.59
CA VAL B 197 19.98 -11.11 -7.43
C VAL B 197 19.66 -10.46 -8.78
N ALA B 198 18.52 -9.81 -8.82
CA ALA B 198 18.08 -9.09 -10.01
C ALA B 198 18.04 -7.62 -9.57
N HIS B 199 18.50 -6.73 -10.43
CA HIS B 199 18.51 -5.29 -10.13
C HIS B 199 17.88 -4.56 -11.30
N PRO B 200 16.55 -4.51 -11.32
CA PRO B 200 15.78 -3.87 -12.39
C PRO B 200 16.42 -2.66 -13.07
N ALA B 201 16.55 -1.57 -12.32
CA ALA B 201 17.09 -0.32 -12.83
C ALA B 201 18.24 -0.37 -13.80
N SER B 202 18.94 -1.50 -13.89
CA SER B 202 20.09 -1.63 -14.78
C SER B 202 20.17 -2.89 -15.65
N SER B 203 19.06 -3.59 -15.83
CA SER B 203 19.07 -4.80 -16.66
C SER B 203 20.00 -5.91 -16.07
N THR B 204 20.61 -5.66 -14.92
CA THR B 204 21.52 -6.61 -14.24
C THR B 204 20.82 -7.76 -13.53
N LYS B 205 21.29 -8.98 -13.76
CA LYS B 205 20.79 -10.19 -13.12
C LYS B 205 22.11 -10.98 -12.92
N VAL B 206 22.36 -11.43 -11.69
CA VAL B 206 23.59 -12.14 -11.33
C VAL B 206 23.23 -13.26 -10.38
N ASP B 207 23.92 -14.39 -10.50
CA ASP B 207 23.65 -15.55 -9.64
C ASP B 207 24.94 -16.08 -9.07
N LYS B 208 24.99 -16.22 -7.75
CA LYS B 208 26.17 -16.71 -7.04
C LYS B 208 25.84 -17.91 -6.15
N LYS B 209 26.66 -18.95 -6.20
CA LYS B 209 26.36 -20.10 -5.35
C LYS B 209 27.31 -20.11 -4.17
N ILE B 210 26.78 -20.40 -3.00
CA ILE B 210 27.52 -20.43 -1.76
C ILE B 210 28.15 -21.81 -1.61
N THR C 4 -19.87 9.74 -30.61
CA THR C 4 -19.69 11.20 -30.42
C THR C 4 -21.08 11.76 -30.67
N LYS C 5 -21.27 13.05 -30.41
CA LYS C 5 -22.59 13.67 -30.56
C LYS C 5 -23.52 12.83 -29.67
N LYS C 6 -22.92 12.23 -28.63
CA LYS C 6 -23.59 11.36 -27.68
C LYS C 6 -24.21 12.22 -26.59
N LEU C 7 -23.38 12.60 -25.63
CA LEU C 7 -23.82 13.44 -24.52
C LEU C 7 -22.65 14.28 -24.01
N HIS C 8 -22.99 15.11 -23.04
CA HIS C 8 -22.07 16.01 -22.38
C HIS C 8 -22.86 16.40 -21.16
N LYS C 9 -22.17 16.74 -20.11
CA LYS C 9 -22.85 17.15 -18.90
C LYS C 9 -22.77 18.69 -18.89
N GLU C 10 -23.58 19.28 -18.03
CA GLU C 10 -23.63 20.70 -17.83
C GLU C 10 -23.59 20.84 -16.32
N PRO C 11 -22.90 21.87 -15.81
CA PRO C 11 -22.85 22.01 -14.35
C PRO C 11 -24.26 22.36 -13.90
N ALA C 12 -24.57 22.01 -12.66
CA ALA C 12 -25.88 22.27 -12.06
C ALA C 12 -25.51 22.46 -10.62
N THR C 13 -25.97 23.55 -10.03
CA THR C 13 -25.65 23.84 -8.64
C THR C 13 -26.76 23.33 -7.76
N LEU C 14 -26.41 22.73 -6.63
CA LEU C 14 -27.39 22.17 -5.70
C LEU C 14 -28.35 23.23 -5.17
N ILE C 15 -29.46 22.78 -4.60
CA ILE C 15 -30.45 23.66 -3.98
C ILE C 15 -30.94 22.87 -2.79
N LYS C 16 -31.37 21.64 -3.03
CA LYS C 16 -31.88 20.83 -1.94
C LYS C 16 -32.18 19.38 -2.31
N ALA C 17 -31.76 18.47 -1.43
CA ALA C 17 -31.98 17.05 -1.64
C ALA C 17 -33.34 16.71 -1.07
N ILE C 18 -34.21 16.14 -1.90
CA ILE C 18 -35.56 15.73 -1.51
C ILE C 18 -35.62 14.24 -1.11
N ASP C 19 -35.60 13.31 -2.07
CA ASP C 19 -35.64 11.90 -1.70
C ASP C 19 -35.04 10.92 -2.70
N GLY C 20 -33.96 10.25 -2.28
CA GLY C 20 -33.25 9.28 -3.11
C GLY C 20 -33.09 9.61 -4.59
N ASP C 21 -34.19 9.46 -5.32
CA ASP C 21 -34.32 9.71 -6.76
C ASP C 21 -34.81 11.17 -7.04
N THR C 22 -34.94 11.98 -6.02
CA THR C 22 -35.47 13.33 -6.19
C THR C 22 -34.51 14.37 -5.65
N VAL C 23 -33.94 15.19 -6.55
CA VAL C 23 -33.00 16.23 -6.18
C VAL C 23 -33.38 17.59 -6.77
N LYS C 24 -33.62 18.57 -5.90
CA LYS C 24 -33.97 19.91 -6.31
C LYS C 24 -32.64 20.59 -6.59
N LEU C 25 -32.30 20.81 -7.86
CA LEU C 25 -31.04 21.43 -8.19
C LEU C 25 -31.20 22.67 -9.04
N MET C 26 -30.49 23.74 -8.68
CA MET C 26 -30.51 24.98 -9.42
C MET C 26 -29.89 24.73 -10.79
N TYR C 27 -30.70 24.44 -11.80
CA TYR C 27 -30.17 24.18 -13.14
C TYR C 27 -30.15 25.43 -14.06
N LYS C 28 -29.00 25.60 -14.73
CA LYS C 28 -28.69 26.72 -15.66
C LYS C 28 -29.74 27.81 -15.81
N GLY C 29 -29.94 28.60 -14.76
CA GLY C 29 -30.93 29.65 -14.81
C GLY C 29 -31.92 29.56 -13.66
N GLN C 30 -33.07 28.92 -13.91
CA GLN C 30 -34.12 28.79 -12.89
C GLN C 30 -34.10 27.46 -12.11
N PRO C 31 -34.50 27.49 -10.83
CA PRO C 31 -34.54 26.28 -10.00
C PRO C 31 -35.38 25.13 -10.63
N MET C 32 -34.86 23.91 -10.55
CA MET C 32 -35.53 22.76 -11.15
C MET C 32 -35.35 21.47 -10.39
N THR C 33 -36.44 20.73 -10.27
CA THR C 33 -36.38 19.44 -9.60
C THR C 33 -35.88 18.43 -10.65
N PHE C 34 -35.13 17.41 -10.22
CA PHE C 34 -34.58 16.39 -11.12
C PHE C 34 -34.71 15.05 -10.45
N ARG C 35 -34.91 14.02 -11.26
CA ARG C 35 -35.09 12.66 -10.77
C ARG C 35 -33.88 11.84 -11.22
N LEU C 36 -33.24 11.18 -10.26
CA LEU C 36 -32.06 10.37 -10.53
C LEU C 36 -32.46 9.28 -11.49
N LEU C 37 -31.82 9.27 -12.65
CA LEU C 37 -32.16 8.31 -13.66
C LEU C 37 -31.78 6.84 -13.60
N LEU C 38 -32.83 6.02 -13.62
CA LEU C 38 -32.80 4.56 -13.64
C LEU C 38 -32.80 3.79 -12.36
N VAL C 39 -32.69 4.50 -11.23
CA VAL C 39 -32.68 3.80 -9.97
C VAL C 39 -34.10 3.60 -9.38
N ASP C 40 -34.22 2.66 -8.45
CA ASP C 40 -35.50 2.40 -7.77
C ASP C 40 -35.25 2.45 -6.24
N THR C 41 -35.06 3.68 -5.75
CA THR C 41 -34.80 3.90 -4.33
C THR C 41 -36.07 4.15 -3.52
N PRO C 42 -36.24 3.39 -2.42
CA PRO C 42 -37.37 3.43 -1.48
C PRO C 42 -37.79 4.82 -1.02
N GLU C 43 -38.92 4.92 -0.32
CA GLU C 43 -39.35 6.26 0.08
C GLU C 43 -39.34 6.56 1.58
N THR C 44 -39.56 7.82 1.89
CA THR C 44 -39.63 8.30 3.26
C THR C 44 -40.91 9.14 3.30
N LYS C 45 -41.56 9.24 2.15
CA LYS C 45 -42.78 10.01 2.02
C LYS C 45 -43.62 9.21 1.06
N HIS C 46 -44.93 9.26 1.30
CA HIS C 46 -45.94 8.58 0.50
C HIS C 46 -47.13 8.46 1.44
N PRO C 47 -48.31 8.91 1.01
CA PRO C 47 -49.38 8.73 2.00
C PRO C 47 -49.63 7.24 2.22
N LYS C 48 -49.16 6.41 1.28
CA LYS C 48 -49.24 4.96 1.44
C LYS C 48 -47.79 4.43 1.61
N LYS C 49 -47.64 3.12 1.83
CA LYS C 49 -46.35 2.46 2.04
C LYS C 49 -45.74 3.00 3.34
N GLY C 50 -45.22 4.23 3.30
CA GLY C 50 -44.65 4.83 4.49
C GLY C 50 -43.16 5.18 4.43
N VAL C 51 -42.37 4.41 5.17
CA VAL C 51 -40.94 4.64 5.23
C VAL C 51 -40.23 3.29 5.12
N GLU C 52 -40.21 2.73 3.92
CA GLU C 52 -39.55 1.44 3.69
C GLU C 52 -38.14 1.35 4.33
N LYS C 53 -37.71 0.14 4.66
CA LYS C 53 -36.37 -0.03 5.23
C LYS C 53 -35.36 0.37 4.15
N TYR C 54 -34.37 1.14 4.59
CA TYR C 54 -33.33 1.72 3.75
C TYR C 54 -33.89 3.01 3.16
N GLY C 55 -35.13 3.31 3.52
CA GLY C 55 -35.78 4.51 3.04
C GLY C 55 -34.89 5.64 3.47
N PRO C 56 -34.96 6.09 4.74
CA PRO C 56 -34.12 7.19 5.21
C PRO C 56 -32.68 7.10 4.72
N GLU C 57 -32.02 5.98 5.04
CA GLU C 57 -30.64 5.71 4.63
C GLU C 57 -30.37 6.08 3.17
N ALA C 58 -31.06 5.42 2.25
CA ALA C 58 -30.93 5.67 0.83
C ALA C 58 -30.87 7.19 0.57
N SER C 59 -31.72 7.95 1.27
CA SER C 59 -31.79 9.39 1.10
C SER C 59 -30.57 10.07 1.71
N ALA C 60 -30.18 9.62 2.88
CA ALA C 60 -29.01 10.13 3.58
C ALA C 60 -27.78 9.98 2.64
N PHE C 61 -27.78 8.97 1.78
CA PHE C 61 -26.68 8.82 0.84
C PHE C 61 -26.70 10.04 -0.10
N THR C 62 -27.74 10.10 -0.92
CA THR C 62 -27.97 11.15 -1.93
C THR C 62 -27.76 12.60 -1.47
N LYS C 63 -28.36 12.93 -0.32
CA LYS C 63 -28.22 14.26 0.25
C LYS C 63 -26.73 14.60 0.43
N LYS C 64 -25.95 13.70 1.02
CA LYS C 64 -24.54 13.98 1.24
C LYS C 64 -23.66 13.95 -0.01
N MET C 65 -23.87 12.99 -0.91
CA MET C 65 -23.08 12.91 -2.14
C MET C 65 -23.11 14.22 -2.87
N VAL C 66 -24.32 14.78 -3.00
CA VAL C 66 -24.51 16.02 -3.75
C VAL C 66 -24.25 17.31 -2.97
N GLU C 67 -24.70 17.34 -1.73
CA GLU C 67 -24.53 18.48 -0.85
C GLU C 67 -23.01 18.66 -0.65
N ASN C 68 -22.28 17.54 -0.63
CA ASN C 68 -20.86 17.59 -0.39
C ASN C 68 -19.93 17.72 -1.57
N ALA C 69 -20.49 17.60 -2.76
CA ALA C 69 -19.75 17.70 -4.03
C ALA C 69 -19.17 19.10 -4.28
N LYS C 70 -18.07 19.15 -5.03
CA LYS C 70 -17.47 20.44 -5.41
C LYS C 70 -18.00 20.89 -6.79
N LYS C 71 -18.22 19.95 -7.69
CA LYS C 71 -18.72 20.26 -9.03
C LYS C 71 -19.77 19.23 -9.47
N ILE C 72 -21.02 19.67 -9.55
CA ILE C 72 -22.14 18.80 -9.97
C ILE C 72 -22.46 19.01 -11.45
N GLU C 73 -22.35 17.96 -12.25
CA GLU C 73 -22.68 18.06 -13.67
C GLU C 73 -23.94 17.22 -13.78
N VAL C 74 -24.86 17.58 -14.67
CA VAL C 74 -26.08 16.77 -14.83
C VAL C 74 -26.04 16.18 -16.23
N GLU C 75 -26.73 15.08 -16.46
CA GLU C 75 -26.66 14.51 -17.78
C GLU C 75 -28.01 14.14 -18.37
N PHE C 76 -28.17 14.55 -19.62
CA PHE C 76 -29.37 14.33 -20.40
C PHE C 76 -29.51 12.91 -20.86
N ASP C 77 -30.75 12.43 -20.83
CA ASP C 77 -31.04 11.10 -21.31
C ASP C 77 -31.85 11.34 -22.58
N LYS C 78 -31.54 10.55 -23.61
CA LYS C 78 -32.22 10.66 -24.91
C LYS C 78 -33.75 10.47 -24.93
N GLY C 79 -34.38 10.60 -23.77
CA GLY C 79 -35.83 10.46 -23.69
C GLY C 79 -36.39 11.85 -23.59
N GLN C 80 -36.81 12.24 -22.40
CA GLN C 80 -37.36 13.57 -22.23
C GLN C 80 -37.09 14.23 -20.88
N ARG C 81 -36.37 15.38 -20.93
CA ARG C 81 -36.02 16.12 -19.72
C ARG C 81 -37.27 16.31 -18.93
N THR C 82 -38.38 16.53 -19.62
CA THR C 82 -39.61 16.67 -18.90
C THR C 82 -39.96 15.23 -18.55
N ASP C 83 -40.16 15.00 -17.26
CA ASP C 83 -40.54 13.69 -16.72
C ASP C 83 -42.03 13.49 -16.92
N LYS C 84 -42.81 14.06 -16.01
CA LYS C 84 -44.27 13.97 -16.01
C LYS C 84 -44.80 14.94 -14.96
N TYR C 85 -44.04 15.00 -13.86
CA TYR C 85 -44.32 15.89 -12.74
C TYR C 85 -43.43 17.08 -13.04
N GLY C 86 -42.96 17.19 -14.27
CA GLY C 86 -42.08 18.27 -14.65
C GLY C 86 -40.71 17.70 -14.37
N ARG C 87 -40.40 17.57 -13.08
CA ARG C 87 -39.14 17.03 -12.54
C ARG C 87 -38.23 16.47 -13.61
N GLY C 88 -37.24 17.26 -14.01
CA GLY C 88 -36.33 16.84 -15.04
C GLY C 88 -35.77 15.47 -14.77
N LEU C 89 -35.59 14.67 -15.82
CA LEU C 89 -35.02 13.33 -15.65
C LEU C 89 -33.59 13.54 -16.08
N ALA C 90 -32.64 13.01 -15.30
CA ALA C 90 -31.22 13.22 -15.63
C ALA C 90 -30.26 12.25 -14.93
N TYR C 91 -28.96 12.36 -15.30
CA TYR C 91 -27.88 11.55 -14.71
C TYR C 91 -27.04 12.49 -13.83
N ILE C 92 -27.25 12.49 -12.52
CA ILE C 92 -26.52 13.39 -11.66
C ILE C 92 -25.13 12.90 -11.26
N TYR C 93 -24.12 13.73 -11.50
CA TYR C 93 -22.76 13.38 -11.13
C TYR C 93 -22.24 14.28 -9.97
N ALA C 94 -21.43 13.72 -9.08
CA ALA C 94 -20.86 14.48 -7.99
C ALA C 94 -19.32 14.30 -8.03
N ASP C 95 -18.62 15.32 -8.50
CA ASP C 95 -17.17 15.31 -8.63
C ASP C 95 -16.69 14.20 -9.55
N GLY C 96 -17.45 13.98 -10.62
CA GLY C 96 -17.10 12.95 -11.58
C GLY C 96 -17.78 11.62 -11.34
N LYS C 97 -18.35 11.45 -10.16
CA LYS C 97 -19.00 10.20 -9.86
C LYS C 97 -20.48 10.17 -10.25
N MET C 98 -21.03 8.99 -10.53
CA MET C 98 -22.42 8.92 -10.88
C MET C 98 -23.21 8.66 -9.60
N VAL C 99 -24.07 9.60 -9.22
CA VAL C 99 -24.82 9.47 -7.99
C VAL C 99 -25.81 8.34 -8.08
N ASN C 100 -26.22 8.03 -9.31
CA ASN C 100 -27.20 6.96 -9.52
C ASN C 100 -26.55 5.61 -9.23
N GLU C 101 -25.34 5.40 -9.74
CA GLU C 101 -24.63 4.13 -9.56
C GLU C 101 -24.24 3.93 -8.10
N ALA C 102 -23.68 4.96 -7.49
CA ALA C 102 -23.26 4.87 -6.10
C ALA C 102 -24.39 4.25 -5.31
N LEU C 103 -25.58 4.84 -5.30
CA LEU C 103 -26.72 4.29 -4.55
C LEU C 103 -27.05 2.85 -4.99
N VAL C 104 -26.98 2.61 -6.30
CA VAL C 104 -27.26 1.31 -6.86
C VAL C 104 -26.14 0.29 -6.56
N ARG C 105 -25.01 0.78 -6.04
CA ARG C 105 -23.85 -0.08 -5.70
C ARG C 105 -23.76 -0.35 -4.20
N GLN C 106 -24.16 0.62 -3.39
CA GLN C 106 -24.15 0.41 -1.94
C GLN C 106 -25.47 -0.23 -1.51
N GLY C 107 -26.19 -0.79 -2.48
CA GLY C 107 -27.47 -1.43 -2.25
C GLY C 107 -28.51 -0.48 -1.72
N LEU C 108 -28.66 0.66 -2.38
CA LEU C 108 -29.59 1.68 -1.91
C LEU C 108 -30.54 2.15 -3.02
N ALA C 109 -30.98 1.19 -3.83
CA ALA C 109 -31.88 1.41 -4.96
C ALA C 109 -31.56 0.35 -5.98
N LYS C 110 -32.53 -0.47 -6.39
CA LYS C 110 -32.21 -1.47 -7.40
C LYS C 110 -32.39 -0.86 -8.77
N VAL C 111 -31.74 -1.47 -9.77
CA VAL C 111 -31.85 -1.00 -11.16
C VAL C 111 -33.35 -0.91 -11.41
N ALA C 112 -33.78 -0.07 -12.34
CA ALA C 112 -35.22 0.04 -12.53
C ALA C 112 -35.77 0.66 -13.81
N TYR C 113 -37.02 1.09 -13.69
CA TYR C 113 -37.82 1.76 -14.70
C TYR C 113 -37.21 1.79 -16.09
N VAL C 114 -36.98 0.62 -16.66
CA VAL C 114 -36.37 0.51 -17.99
C VAL C 114 -37.35 1.00 -19.03
N TYR C 115 -36.95 1.97 -19.86
CA TYR C 115 -37.81 2.49 -20.92
C TYR C 115 -37.03 2.63 -22.23
N LYS C 116 -36.88 3.84 -22.76
CA LYS C 116 -36.14 4.08 -24.01
C LYS C 116 -36.49 5.45 -24.61
N PRO C 117 -35.57 6.03 -25.40
CA PRO C 117 -34.28 5.47 -25.77
C PRO C 117 -33.29 5.67 -24.64
N ASN C 118 -33.81 5.90 -23.45
CA ASN C 118 -32.97 6.06 -22.29
C ASN C 118 -32.55 4.65 -21.95
N ASN C 119 -31.25 4.46 -21.76
CA ASN C 119 -30.64 3.18 -21.42
C ASN C 119 -29.14 3.35 -21.51
N THR C 120 -28.70 4.55 -21.87
CA THR C 120 -27.28 4.89 -21.99
C THR C 120 -26.40 4.30 -20.87
N HIS C 121 -26.89 4.30 -19.63
CA HIS C 121 -26.17 3.75 -18.47
C HIS C 121 -26.78 2.46 -17.90
N GLU C 122 -27.66 1.80 -18.67
CA GLU C 122 -28.34 0.56 -18.28
C GLU C 122 -27.39 -0.53 -17.79
N GLN C 123 -26.58 -1.10 -18.70
CA GLN C 123 -25.58 -2.14 -18.35
C GLN C 123 -24.39 -1.47 -17.70
N HIS C 124 -24.61 -1.03 -16.48
CA HIS C 124 -23.61 -0.37 -15.67
C HIS C 124 -24.28 -0.43 -14.31
N LEU C 125 -25.44 0.23 -14.18
CA LEU C 125 -26.17 0.18 -12.94
C LEU C 125 -26.40 -1.34 -12.76
N ARG C 126 -26.61 -2.04 -13.89
CA ARG C 126 -26.80 -3.51 -13.86
C ARG C 126 -25.61 -4.28 -13.23
N LYS C 127 -24.39 -3.91 -13.62
CA LYS C 127 -23.21 -4.58 -13.12
C LYS C 127 -22.91 -4.26 -11.68
N SER C 128 -23.19 -3.04 -11.25
CA SER C 128 -22.90 -2.66 -9.87
C SER C 128 -23.86 -3.38 -8.96
N GLU C 129 -25.14 -3.36 -9.35
CA GLU C 129 -26.20 -4.01 -8.58
C GLU C 129 -25.87 -5.48 -8.39
N ALA C 130 -25.51 -6.19 -9.46
CA ALA C 130 -25.13 -7.58 -9.37
C ALA C 130 -24.09 -7.70 -8.30
N GLN C 131 -23.00 -6.93 -8.43
CA GLN C 131 -21.90 -6.93 -7.45
C GLN C 131 -22.48 -6.75 -6.05
N ALA C 132 -23.28 -5.71 -5.89
CA ALA C 132 -23.92 -5.41 -4.62
C ALA C 132 -24.79 -6.59 -4.22
N LYS C 133 -25.20 -7.39 -5.21
CA LYS C 133 -26.05 -8.56 -5.00
C LYS C 133 -25.19 -9.73 -4.55
N LYS C 134 -24.01 -9.85 -5.16
CA LYS C 134 -23.04 -10.90 -4.85
C LYS C 134 -22.68 -10.67 -3.39
N GLU C 135 -22.54 -9.40 -3.03
CA GLU C 135 -22.25 -8.99 -1.66
C GLU C 135 -23.63 -9.13 -1.01
N LYS C 136 -23.79 -8.89 0.28
CA LYS C 136 -25.16 -9.02 0.83
C LYS C 136 -25.58 -7.70 1.40
N LEU C 137 -25.18 -6.64 0.68
CA LEU C 137 -25.41 -5.26 1.06
C LEU C 137 -26.76 -4.58 1.22
N ASN C 138 -26.88 -3.94 2.38
CA ASN C 138 -28.04 -3.14 2.76
C ASN C 138 -29.35 -3.73 2.24
N ILE C 139 -29.85 -3.23 1.09
CA ILE C 139 -31.12 -3.71 0.53
C ILE C 139 -31.22 -5.19 0.25
N TRP C 140 -30.10 -5.86 0.01
CA TRP C 140 -30.06 -7.31 -0.28
C TRP C 140 -29.42 -8.15 0.88
N SER C 141 -30.06 -8.19 2.04
CA SER C 141 -29.49 -8.92 3.18
C SER C 141 -30.43 -9.78 4.09
#